data_7HIZ
#
_entry.id   7HIZ
#
_cell.length_a   26.380
_cell.length_b   47.236
_cell.length_c   46.479
_cell.angle_alpha   90.000
_cell.angle_beta   103.530
_cell.angle_gamma   90.000
#
_symmetry.space_group_name_H-M   'P 1 21 1'
#
loop_
_entity.id
_entity.type
_entity.pdbx_description
1 polymer 'De novo designed ABLE protein'
2 non-polymer QUINOLIN-2(1H)-ONE
3 water water
#
_entity_poly.entity_id   1
_entity_poly.type   'polypeptide(L)'
_entity_poly.pdbx_seq_one_letter_code
;SVKSEYAEAAAVGQEAVAVFNTMKAAFQNGDKEAVAQYLARLASLYTRHEELLNRILEKARREGNKEAVTLMNEFTATFQ
TGKSIFNAMVAAFKNGDDDSFESYLQALEKVTAKGETLADQIAKAL
;
_entity_poly.pdbx_strand_id   A
#
# COMPACT_ATOMS: atom_id res chain seq x y z
N SER A 1 -19.27 -7.35 -9.01
CA SER A 1 -19.50 -5.88 -9.05
C SER A 1 -18.24 -5.11 -8.70
N VAL A 2 -18.25 -3.81 -9.00
CA VAL A 2 -17.14 -2.95 -8.62
C VAL A 2 -16.97 -2.97 -7.11
N LYS A 3 -18.08 -3.08 -6.37
N LYS A 3 -18.05 -3.16 -6.37
CA LYS A 3 -17.97 -3.05 -4.92
CA LYS A 3 -17.94 -3.19 -4.91
C LYS A 3 -17.25 -4.29 -4.41
C LYS A 3 -17.23 -4.46 -4.44
N SER A 4 -17.52 -5.46 -4.98
N SER A 4 -17.54 -5.61 -5.04
CA SER A 4 -16.82 -6.68 -4.57
CA SER A 4 -16.83 -6.85 -4.67
C SER A 4 -15.36 -6.66 -5.01
C SER A 4 -15.37 -6.80 -5.10
N GLU A 5 -15.09 -6.13 -6.21
CA GLU A 5 -13.71 -5.95 -6.64
C GLU A 5 -12.98 -5.00 -5.69
N TYR A 6 -13.67 -4.01 -5.12
CA TYR A 6 -13.03 -3.17 -4.11
C TYR A 6 -12.74 -3.96 -2.84
N ALA A 7 -13.69 -4.78 -2.38
N ALA A 7 -13.65 -4.85 -2.43
CA ALA A 7 -13.45 -5.58 -1.19
CA ALA A 7 -13.43 -5.66 -1.24
C ALA A 7 -12.25 -6.51 -1.38
C ALA A 7 -12.23 -6.59 -1.39
N GLU A 8 -12.14 -7.10 -2.58
N GLU A 8 -11.90 -7.00 -2.62
CA GLU A 8 -10.99 -7.93 -2.90
CA GLU A 8 -10.66 -7.74 -2.83
C GLU A 8 -9.70 -7.12 -2.90
C GLU A 8 -9.44 -6.83 -2.70
N ALA A 9 -9.73 -5.92 -3.51
N ALA A 9 -9.54 -5.60 -3.21
CA ALA A 9 -8.56 -5.03 -3.51
CA ALA A 9 -8.50 -4.61 -2.97
C ALA A 9 -8.18 -4.63 -2.09
C ALA A 9 -8.30 -4.38 -1.47
N ALA A 10 -9.16 -4.29 -1.25
N ALA A 10 -9.39 -4.32 -0.70
CA ALA A 10 -8.86 -3.89 0.13
CA ALA A 10 -9.25 -4.16 0.74
C ALA A 10 -8.24 -5.03 0.93
C ALA A 10 -8.51 -5.34 1.35
N ALA A 11 -8.66 -6.27 0.66
N ALA A 11 -8.78 -6.55 0.85
CA ALA A 11 -8.06 -7.40 1.36
CA ALA A 11 -8.06 -7.71 1.39
C ALA A 11 -6.59 -7.54 0.96
C ALA A 11 -6.58 -7.67 1.06
N VAL A 12 -6.31 -7.47 -0.34
N VAL A 12 -6.22 -7.12 -0.10
CA VAL A 12 -4.92 -7.50 -0.79
CA VAL A 12 -4.80 -6.98 -0.45
C VAL A 12 -4.12 -6.41 -0.10
C VAL A 12 -4.13 -5.93 0.44
N GLY A 13 -4.67 -5.19 -0.02
N GLY A 13 -4.78 -4.78 0.64
CA GLY A 13 -4.00 -4.12 0.72
CA GLY A 13 -4.23 -3.81 1.58
C GLY A 13 -3.72 -4.50 2.17
C GLY A 13 -3.95 -4.41 2.94
N GLN A 14 -4.68 -5.16 2.83
N GLN A 14 -4.89 -5.23 3.43
CA GLN A 14 -4.52 -5.49 4.25
CA GLN A 14 -4.68 -5.93 4.69
C GLN A 14 -3.49 -6.59 4.46
C GLN A 14 -3.57 -6.97 4.57
N GLU A 15 -3.37 -7.51 3.52
N GLU A 15 -3.37 -7.59 3.40
CA GLU A 15 -2.29 -8.47 3.59
CA GLU A 15 -2.24 -8.51 3.26
C GLU A 15 -0.94 -7.76 3.54
C GLU A 15 -0.90 -7.78 3.29
N ALA A 16 -0.80 -6.81 2.62
N ALA A 16 -0.89 -6.52 2.84
CA ALA A 16 0.41 -6.02 2.58
CA ALA A 16 0.34 -5.74 2.91
C ALA A 16 0.68 -5.40 3.94
C ALA A 16 0.57 -5.12 4.28
N VAL A 17 -0.34 -4.81 4.57
N VAL A 17 -0.50 -4.88 5.04
CA VAL A 17 -0.16 -4.23 5.90
CA VAL A 17 -0.32 -4.56 6.45
C VAL A 17 0.40 -5.26 6.87
C VAL A 17 0.35 -5.71 7.18
N ALA A 18 -0.14 -6.47 6.85
N ALA A 18 -0.17 -6.93 7.01
CA ALA A 18 0.31 -7.52 7.77
CA ALA A 18 0.39 -8.04 7.76
C ALA A 18 1.76 -7.89 7.49
C ALA A 18 1.84 -8.28 7.40
N VAL A 19 2.11 -8.13 6.22
N VAL A 19 2.18 -8.23 6.10
CA VAL A 19 3.49 -8.49 5.92
CA VAL A 19 3.55 -8.48 5.68
C VAL A 19 4.42 -7.34 6.26
C VAL A 19 4.47 -7.35 6.10
N PHE A 20 4.00 -6.10 6.01
CA PHE A 20 4.81 -4.95 6.41
C PHE A 20 5.14 -5.02 7.88
N ASN A 21 4.13 -5.17 8.73
N ASN A 21 4.18 -5.45 8.70
CA ASN A 21 4.38 -5.14 10.16
CA ASN A 21 4.43 -5.56 10.13
C ASN A 21 5.29 -6.28 10.58
C ASN A 21 5.46 -6.64 10.45
N THR A 22 5.17 -7.45 9.93
N THR A 22 5.37 -7.81 9.82
CA THR A 22 6.11 -8.53 10.19
CA THR A 22 6.39 -8.83 10.10
C THR A 22 7.52 -8.15 9.74
C THR A 22 7.74 -8.45 9.50
N MET A 23 7.63 -7.60 8.53
N MET A 23 7.77 -7.54 8.53
CA MET A 23 8.92 -7.15 8.02
CA MET A 23 9.03 -7.02 8.02
C MET A 23 9.60 -6.19 8.99
C MET A 23 9.60 -5.91 8.92
N LYS A 24 8.85 -5.17 9.45
N LYS A 24 8.73 -5.21 9.65
CA LYS A 24 9.38 -4.19 10.38
CA LYS A 24 9.20 -4.22 10.61
C LYS A 24 9.99 -4.87 11.60
C LYS A 24 9.80 -4.90 11.83
N ALA A 25 9.27 -5.82 12.20
N ALA A 25 9.23 -6.03 12.25
CA ALA A 25 9.83 -6.61 13.29
CA ALA A 25 9.77 -6.77 13.37
C ALA A 25 11.15 -7.24 12.88
C ALA A 25 11.06 -7.49 12.99
N ALA A 26 11.17 -7.91 11.74
CA ALA A 26 12.39 -8.59 11.30
C ALA A 26 13.53 -7.60 11.12
N PHE A 27 13.23 -6.41 10.59
CA PHE A 27 14.24 -5.36 10.48
C PHE A 27 14.77 -5.00 11.86
N GLN A 28 13.88 -4.77 12.81
N GLN A 28 13.88 -4.79 12.83
CA GLN A 28 14.35 -4.37 14.14
CA GLN A 28 14.32 -4.37 14.15
C GLN A 28 15.24 -5.44 14.72
C GLN A 28 15.15 -5.44 14.82
N ASN A 29 14.88 -6.70 14.52
CA ASN A 29 15.65 -7.84 15.05
C ASN A 29 16.92 -8.11 14.26
N GLY A 30 17.16 -7.40 13.15
CA GLY A 30 18.35 -7.58 12.35
C GLY A 30 18.37 -8.82 11.48
N ASP A 31 17.20 -9.39 11.13
CA ASP A 31 17.08 -10.60 10.34
C ASP A 31 16.94 -10.18 8.87
N LYS A 32 18.09 -9.91 8.24
N LYS A 32 18.08 -9.77 8.30
CA LYS A 32 18.11 -9.36 6.89
CA LYS A 32 18.09 -9.16 6.97
C LYS A 32 17.59 -10.36 5.85
C LYS A 32 17.61 -10.13 5.91
N GLU A 33 17.86 -11.65 6.03
N GLU A 33 17.89 -11.41 6.06
CA GLU A 33 17.36 -12.61 5.03
CA GLU A 33 17.40 -12.41 5.11
C GLU A 33 15.85 -12.67 5.04
C GLU A 33 15.88 -12.37 5.04
N ALA A 34 15.23 -12.47 6.20
CA ALA A 34 13.77 -12.39 6.25
C ALA A 34 13.29 -11.09 5.62
N VAL A 35 13.90 -9.96 6.01
CA VAL A 35 13.52 -8.69 5.40
C VAL A 35 13.54 -8.78 3.89
N ALA A 36 14.58 -9.36 3.32
CA ALA A 36 14.67 -9.42 1.87
C ALA A 36 13.48 -10.14 1.29
N GLN A 37 13.08 -11.27 1.88
N GLN A 37 13.04 -11.23 1.91
CA GLN A 37 11.93 -12.00 1.37
CA GLN A 37 11.92 -12.01 1.37
C GLN A 37 10.65 -11.19 1.52
C GLN A 37 10.59 -11.30 1.59
N TYR A 38 10.42 -10.63 2.71
CA TYR A 38 9.23 -9.79 2.91
C TYR A 38 9.17 -8.62 1.92
N LEU A 39 10.31 -7.98 1.61
CA LEU A 39 10.29 -6.89 0.62
C LEU A 39 9.87 -7.40 -0.75
N ALA A 40 10.29 -8.61 -1.13
N ALA A 40 10.35 -8.57 -1.16
CA ALA A 40 9.85 -9.21 -2.39
CA ALA A 40 9.94 -9.13 -2.44
C ALA A 40 8.36 -9.54 -2.36
C ALA A 40 8.43 -9.33 -2.47
N ARG A 41 7.88 -10.03 -1.22
N ARG A 41 7.88 -9.91 -1.41
CA ARG A 41 6.47 -10.37 -1.08
CA ARG A 41 6.45 -10.13 -1.33
C ARG A 41 5.61 -9.12 -1.12
C ARG A 41 5.68 -8.79 -1.38
N LEU A 42 6.02 -8.07 -0.41
N LEU A 42 6.20 -7.76 -0.70
CA LEU A 42 5.32 -6.79 -0.47
CA LEU A 42 5.53 -6.46 -0.71
C LEU A 42 5.33 -6.23 -1.89
C LEU A 42 5.53 -5.81 -2.09
N ALA A 43 6.43 -6.37 -2.61
N ALA A 43 6.61 -5.99 -2.86
CA ALA A 43 6.49 -5.78 -3.95
CA ALA A 43 6.59 -5.53 -4.24
C ALA A 43 5.40 -6.38 -4.82
C ALA A 43 5.53 -6.27 -5.04
N SER A 44 5.26 -7.70 -4.77
N SER A 44 5.31 -7.55 -4.75
CA SER A 44 4.25 -8.36 -5.56
CA SER A 44 4.26 -8.28 -5.44
C SER A 44 2.84 -8.03 -5.09
C SER A 44 2.90 -7.73 -5.07
N LEU A 45 2.67 -7.82 -3.78
N LEU A 45 2.61 -7.62 -3.76
CA LEU A 45 1.38 -7.42 -3.26
CA LEU A 45 1.32 -7.11 -3.31
C LEU A 45 1.01 -6.00 -3.69
C LEU A 45 1.06 -5.70 -3.83
N TYR A 46 1.97 -5.06 -3.66
N TYR A 46 2.09 -4.89 -3.99
CA TYR A 46 1.68 -3.68 -4.06
CA TYR A 46 1.87 -3.62 -4.68
C TYR A 46 1.42 -3.56 -5.55
C TYR A 46 1.36 -3.86 -6.09
N THR A 47 2.11 -4.35 -6.37
N THR A 47 2.01 -4.75 -6.83
CA THR A 47 1.85 -4.34 -7.80
CA THR A 47 1.60 -4.97 -8.22
C THR A 47 0.44 -4.84 -8.08
C THR A 47 0.14 -5.41 -8.27
N ARG A 48 0.03 -5.91 -7.41
N ARG A 48 -0.26 -6.34 -7.38
CA ARG A 48 -1.33 -6.43 -7.56
CA ARG A 48 -1.61 -6.85 -7.40
C ARG A 48 -2.35 -5.38 -7.14
C ARG A 48 -2.60 -5.81 -6.89
N HIS A 49 -2.12 -4.75 -6.00
N HIS A 49 -2.27 -5.09 -5.83
CA HIS A 49 -3.08 -3.77 -5.50
CA HIS A 49 -3.14 -4.03 -5.35
C HIS A 49 -3.19 -2.58 -6.46
C HIS A 49 -3.38 -3.00 -6.44
N GLU A 50 -2.06 -2.14 -6.99
N GLU A 50 -2.30 -2.51 -7.07
CA GLU A 50 -2.09 -1.04 -7.96
CA GLU A 50 -2.43 -1.49 -8.12
C GLU A 50 -2.93 -1.42 -9.18
C GLU A 50 -3.31 -2.00 -9.24
N GLU A 51 -2.83 -2.67 -9.63
N GLU A 51 -3.14 -3.27 -9.60
CA GLU A 51 -3.57 -3.09 -10.81
CA GLU A 51 -3.94 -3.88 -10.66
C GLU A 51 -5.07 -3.15 -10.52
C GLU A 51 -5.43 -3.82 -10.32
N LEU A 52 -5.46 -3.64 -9.35
N LEU A 52 -5.76 -4.11 -9.05
CA LEU A 52 -6.88 -3.71 -9.02
CA LEU A 52 -7.15 -4.07 -8.61
C LEU A 52 -7.44 -2.30 -8.86
C LEU A 52 -7.68 -2.64 -8.58
N LEU A 53 -6.69 -1.39 -8.24
N LEU A 53 -6.88 -1.72 -8.04
CA LEU A 53 -7.20 -0.04 -8.07
CA LEU A 53 -7.30 -0.32 -7.98
C LEU A 53 -7.35 0.66 -9.43
C LEU A 53 -7.58 0.23 -9.36
N ASN A 54 -6.46 0.39 -10.38
N ASN A 54 -6.71 -0.04 -10.33
CA ASN A 54 -6.62 1.04 -11.68
CA ASN A 54 -6.90 0.54 -11.65
C ASN A 54 -7.87 0.54 -12.39
C ASN A 54 -8.16 0.01 -12.31
N ARG A 55 -8.22 -0.74 -12.19
N ARG A 55 -8.42 -1.28 -12.19
CA ARG A 55 -9.42 -1.31 -12.83
CA ARG A 55 -9.65 -1.83 -12.75
C ARG A 55 -10.70 -0.78 -12.19
C ARG A 55 -10.88 -1.25 -12.06
N ILE A 56 -10.72 -0.70 -10.86
CA ILE A 56 -11.84 -0.11 -10.16
C ILE A 56 -12.05 1.32 -10.64
N LEU A 57 -10.97 2.08 -10.76
CA LEU A 57 -11.08 3.46 -11.22
C LEU A 57 -11.60 3.51 -12.65
N GLU A 58 -11.08 2.65 -13.52
CA GLU A 58 -11.54 2.65 -14.90
C GLU A 58 -13.01 2.27 -15.00
N LYS A 59 -13.47 1.31 -14.18
CA LYS A 59 -14.88 0.91 -14.20
C LYS A 59 -15.77 2.02 -13.67
N ALA A 60 -15.35 2.71 -12.61
CA ALA A 60 -16.14 3.82 -12.11
C ALA A 60 -16.25 4.93 -13.14
N ARG A 61 -15.19 5.14 -13.93
CA ARG A 61 -15.24 6.13 -15.00
C ARG A 61 -16.24 5.71 -16.06
N ARG A 62 -16.20 4.46 -16.47
CA ARG A 62 -17.12 3.97 -17.50
C ARG A 62 -18.56 4.01 -17.00
N GLU A 63 -18.78 3.84 -15.71
CA GLU A 63 -20.09 3.91 -15.06
C GLU A 63 -20.55 5.33 -14.79
N GLY A 64 -19.71 6.33 -15.02
CA GLY A 64 -20.05 7.71 -14.76
C GLY A 64 -20.24 8.04 -13.29
N ASN A 65 -19.60 7.29 -12.41
CA ASN A 65 -19.77 7.50 -10.96
C ASN A 65 -18.79 8.60 -10.54
N LYS A 66 -19.23 9.85 -10.68
N LYS A 66 -19.20 9.85 -10.76
CA LYS A 66 -18.32 10.99 -10.59
CA LYS A 66 -18.29 10.97 -10.58
C LYS A 66 -17.69 11.12 -9.22
C LYS A 66 -17.64 10.92 -9.20
N GLU A 67 -18.44 10.81 -8.15
CA GLU A 67 -17.88 10.89 -6.80
C GLU A 67 -16.84 9.80 -6.60
N ALA A 68 -17.16 8.58 -7.00
CA ALA A 68 -16.19 7.50 -6.85
C ALA A 68 -14.92 7.79 -7.64
N VAL A 69 -15.05 8.36 -8.84
CA VAL A 69 -13.88 8.70 -9.64
C VAL A 69 -13.02 9.72 -8.89
N THR A 70 -13.63 10.77 -8.37
CA THR A 70 -12.89 11.79 -7.63
C THR A 70 -12.11 11.19 -6.47
N LEU A 71 -12.78 10.44 -5.62
CA LEU A 71 -12.15 9.82 -4.47
C LEU A 71 -11.05 8.85 -4.90
N MET A 72 -11.29 8.06 -5.95
CA MET A 72 -10.28 7.10 -6.43
C MET A 72 -9.08 7.83 -7.04
N ASN A 73 -9.29 8.95 -7.74
CA ASN A 73 -8.15 9.72 -8.22
C ASN A 73 -7.31 10.19 -7.05
N GLU A 74 -7.93 10.67 -5.97
CA GLU A 74 -7.15 11.12 -4.83
C GLU A 74 -6.42 9.95 -4.18
N PHE A 75 -7.11 8.81 -4.07
N PHE A 75 -7.14 8.84 -3.99
CA PHE A 75 -6.57 7.66 -3.36
CA PHE A 75 -6.54 7.67 -3.36
C PHE A 75 -5.41 7.02 -4.14
C PHE A 75 -5.33 7.21 -4.17
N THR A 76 -5.53 6.99 -5.46
CA THR A 76 -4.43 6.45 -6.27
C THR A 76 -3.22 7.38 -6.27
N ALA A 77 -3.42 8.69 -6.25
N ALA A 77 -3.41 8.68 -6.11
CA ALA A 77 -2.29 9.60 -6.16
CA ALA A 77 -2.28 9.58 -5.92
C ALA A 77 -1.52 9.39 -4.87
C ALA A 77 -1.52 9.25 -4.63
N THR A 78 -2.23 9.16 -3.76
N THR A 78 -2.25 9.13 -3.52
CA THR A 78 -1.58 8.78 -2.51
CA THR A 78 -1.59 8.91 -2.23
C THR A 78 -0.85 7.45 -2.65
C THR A 78 -1.03 7.49 -2.12
N PHE A 79 -1.48 6.48 -3.32
N PHE A 79 -1.69 6.51 -2.72
CA PHE A 79 -0.84 5.20 -3.55
CA PHE A 79 -1.11 5.17 -2.83
C PHE A 79 0.53 5.37 -4.21
C PHE A 79 0.23 5.22 -3.55
N GLN A 80 0.62 6.27 -5.19
N GLN A 80 0.33 6.05 -4.60
CA GLN A 80 1.89 6.46 -5.87
CA GLN A 80 1.57 6.15 -5.36
C GLN A 80 2.95 7.06 -4.95
C GLN A 80 2.69 6.82 -4.55
N THR A 81 2.53 7.82 -3.92
N THR A 81 2.37 7.85 -3.78
CA THR A 81 3.47 8.31 -2.91
CA THR A 81 3.36 8.44 -2.87
C THR A 81 3.95 7.16 -2.03
C THR A 81 4.03 7.32 -2.10
N GLY A 82 3.04 6.30 -1.61
N GLY A 82 3.22 6.44 -1.52
CA GLY A 82 3.44 5.18 -0.77
CA GLY A 82 3.78 5.26 -0.88
C GLY A 82 4.41 4.26 -1.50
C GLY A 82 4.64 4.45 -1.82
N LYS A 83 4.15 4.02 -2.78
N LYS A 83 4.19 4.28 -3.07
CA LYS A 83 5.01 3.15 -3.58
CA LYS A 83 4.96 3.45 -4.01
C LYS A 83 6.37 3.79 -3.80
C LYS A 83 6.35 4.03 -4.26
N SER A 84 6.42 5.10 -3.97
N SER A 84 6.46 5.35 -4.42
CA SER A 84 7.71 5.77 -4.09
CA SER A 84 7.76 5.97 -4.59
C SER A 84 8.54 5.62 -2.81
C SER A 84 8.64 5.79 -3.35
N ILE A 85 7.90 5.77 -1.65
N ILE A 85 8.08 6.07 -2.18
CA ILE A 85 8.59 5.56 -0.40
CA ILE A 85 8.81 5.88 -0.92
C ILE A 85 9.01 4.10 -0.26
C ILE A 85 9.21 4.42 -0.75
N PHE A 86 8.16 3.17 -0.69
N PHE A 86 8.32 3.49 -1.08
CA PHE A 86 8.51 1.76 -0.61
CA PHE A 86 8.67 2.06 -1.02
C PHE A 86 9.74 1.46 -1.46
C PHE A 86 9.88 1.78 -1.87
N ASN A 87 9.75 1.94 -2.71
N ASN A 87 9.95 2.38 -3.05
CA ASN A 87 10.88 1.67 -3.59
CA ASN A 87 11.13 2.17 -3.88
C ASN A 87 12.17 2.25 -3.02
C ASN A 87 12.36 2.72 -3.21
N ALA A 88 12.11 3.46 -2.47
N ALA A 88 12.21 3.77 -2.41
CA ALA A 88 13.31 4.04 -1.87
CA ALA A 88 13.35 4.33 -1.68
C ALA A 88 13.77 3.21 -0.70
C ALA A 88 13.74 3.48 -0.49
N MET A 89 12.81 2.71 0.09
CA MET A 89 13.14 1.82 1.20
C MET A 89 13.87 0.59 0.67
N VAL A 90 13.39 0.03 -0.44
CA VAL A 90 14.05 -1.12 -1.04
C VAL A 90 15.48 -0.77 -1.41
N ALA A 91 15.69 0.40 -1.99
CA ALA A 91 17.04 0.81 -2.36
C ALA A 91 17.90 1.01 -1.12
N ALA A 92 17.34 1.57 -0.04
CA ALA A 92 18.12 1.71 1.18
C ALA A 92 18.52 0.35 1.75
N PHE A 93 17.68 -0.66 1.60
CA PHE A 93 18.05 -1.99 2.07
C PHE A 93 19.18 -2.56 1.24
N LYS A 94 19.08 -2.44 -0.08
N LYS A 94 19.13 -2.36 -0.08
CA LYS A 94 20.17 -2.89 -0.95
CA LYS A 94 20.15 -2.86 -1.00
C LYS A 94 21.48 -2.23 -0.54
C LYS A 94 21.48 -2.13 -0.81
N ASN A 95 21.45 -0.92 -0.28
CA ASN A 95 22.65 -0.14 -0.01
C ASN A 95 23.14 -0.31 1.41
N GLY A 96 22.42 -1.00 2.29
CA GLY A 96 22.82 -1.10 3.68
C GLY A 96 22.68 0.16 4.51
N ASP A 97 21.77 1.06 4.16
CA ASP A 97 21.53 2.32 4.86
C ASP A 97 20.35 2.12 5.80
N ASP A 98 20.65 1.68 7.03
N ASP A 98 20.65 1.66 7.02
CA ASP A 98 19.59 1.44 8.01
CA ASP A 98 19.60 1.39 7.99
C ASP A 98 18.95 2.73 8.49
C ASP A 98 18.96 2.68 8.49
N ASP A 99 19.71 3.82 8.56
N ASP A 99 19.72 3.78 8.53
CA ASP A 99 19.13 5.11 8.95
CA ASP A 99 19.14 5.06 8.94
C ASP A 99 18.02 5.53 7.99
C ASP A 99 18.01 5.47 7.99
N SER A 100 18.27 5.43 6.68
CA SER A 100 17.23 5.76 5.71
C SER A 100 16.11 4.74 5.77
N PHE A 101 16.43 3.46 5.90
CA PHE A 101 15.37 2.44 5.91
C PHE A 101 14.39 2.71 7.05
N GLU A 102 14.90 3.04 8.23
N GLU A 102 14.91 2.94 8.26
CA GLU A 102 14.02 3.51 9.31
CA GLU A 102 14.07 3.25 9.41
C GLU A 102 13.21 4.72 8.88
C GLU A 102 13.15 4.43 9.12
N SER A 103 13.86 5.71 8.27
N SER A 103 13.71 5.48 8.53
CA SER A 103 13.15 6.93 7.88
CA SER A 103 12.94 6.68 8.21
C SER A 103 12.06 6.64 6.86
C SER A 103 11.81 6.34 7.26
N TYR A 104 12.36 5.81 5.86
N TYR A 104 12.15 5.78 6.09
CA TYR A 104 11.37 5.50 4.85
CA TYR A 104 11.14 5.41 5.11
C TYR A 104 10.26 4.62 5.40
C TYR A 104 10.09 4.50 5.72
N LEU A 105 10.54 3.79 6.40
N LEU A 105 10.53 3.54 6.53
CA LEU A 105 9.52 2.90 6.96
CA LEU A 105 9.59 2.68 7.23
C LEU A 105 8.46 3.69 7.72
C LEU A 105 8.59 3.52 8.03
N GLN A 106 8.89 4.64 8.58
N GLN A 106 9.08 4.58 8.69
CA GLN A 106 7.95 5.46 9.32
CA GLN A 106 8.21 5.46 9.45
C GLN A 106 7.13 6.34 8.39
C GLN A 106 7.31 6.29 8.55
N ALA A 107 7.76 6.86 7.33
N ALA A 107 7.87 6.82 7.45
CA ALA A 107 7.03 7.66 6.36
CA ALA A 107 7.09 7.66 6.55
C ALA A 107 5.93 6.85 5.69
C ALA A 107 6.07 6.84 5.77
N LEU A 108 6.23 5.60 5.35
N LEU A 108 6.40 5.59 5.43
CA LEU A 108 5.22 4.74 4.73
CA LEU A 108 5.48 4.76 4.66
C LEU A 108 4.08 4.42 5.69
C LEU A 108 4.23 4.44 5.46
N GLU A 109 4.36 4.31 6.99
N GLU A 109 4.38 4.22 6.77
CA GLU A 109 3.30 4.10 7.97
CA GLU A 109 3.21 4.01 7.62
C GLU A 109 2.37 5.29 8.04
C GLU A 109 2.30 5.22 7.64
N LYS A 110 2.94 6.51 8.11
N LYS A 110 2.87 6.43 7.51
CA LYS A 110 2.11 7.70 8.23
CA LYS A 110 2.04 7.63 7.51
C LYS A 110 1.30 7.93 6.97
C LYS A 110 1.33 7.84 6.17
N VAL A 111 1.94 7.83 5.81
N VAL A 111 1.92 7.37 5.07
CA VAL A 111 1.23 8.03 4.54
CA VAL A 111 1.22 7.42 3.79
C VAL A 111 0.10 7.02 4.40
C VAL A 111 0.03 6.46 3.78
N THR A 112 0.30 5.80 4.90
N THR A 112 0.19 5.28 4.37
CA THR A 112 -0.75 4.77 4.83
CA THR A 112 -0.88 4.31 4.38
C THR A 112 -1.84 5.04 5.84
C THR A 112 -2.07 4.82 5.19
N ALA A 113 -1.48 5.37 7.08
N ALA A 113 -1.80 5.45 6.34
CA ALA A 113 -2.48 5.72 8.08
CA ALA A 113 -2.89 6.01 7.14
C ALA A 113 -3.34 6.88 7.60
C ALA A 113 -3.54 7.19 6.41
N LYS A 114 -2.72 7.91 7.03
N LYS A 114 -2.75 7.99 5.69
CA LYS A 114 -3.48 9.06 6.55
CA LYS A 114 -3.31 9.11 4.94
C LYS A 114 -4.50 8.64 5.50
C LYS A 114 -4.46 8.65 4.06
N GLY A 115 -4.07 7.86 4.52
N GLY A 115 -4.27 7.55 3.33
CA GLY A 115 -4.95 7.46 3.44
CA GLY A 115 -5.30 7.07 2.46
C GLY A 115 -5.89 6.33 3.81
C GLY A 115 -6.43 6.32 3.13
N GLU A 116 -6.49 6.41 4.99
N GLU A 116 -6.36 6.10 4.45
CA GLU A 116 -7.43 5.40 5.44
CA GLU A 116 -7.32 5.19 5.09
C GLU A 116 -8.87 5.86 5.55
C GLU A 116 -8.70 5.83 5.20
N THR A 117 -9.10 7.12 5.94
N THR A 117 -8.79 7.07 5.67
CA THR A 117 -10.47 7.61 5.90
CA THR A 117 -10.10 7.72 5.74
C THR A 117 -10.98 7.71 4.48
C THR A 117 -10.69 7.93 4.35
N LEU A 118 -10.08 7.97 3.52
N LEU A 118 -9.85 7.95 3.32
CA LEU A 118 -10.48 7.97 2.11
CA LEU A 118 -10.33 7.96 1.94
C LEU A 118 -10.83 6.56 1.65
C LEU A 118 -10.73 6.56 1.49
N ALA A 119 -10.02 5.57 2.05
N ALA A 119 -9.95 5.55 1.90
CA ALA A 119 -10.30 4.19 1.66
CA ALA A 119 -10.29 4.17 1.52
C ALA A 119 -11.68 3.76 2.11
C ALA A 119 -11.67 3.79 2.04
N ASP A 120 -12.10 4.18 3.31
N ASP A 120 -12.03 4.24 3.24
CA ASP A 120 -13.46 3.88 3.76
CA ASP A 120 -13.36 3.96 3.75
C ASP A 120 -14.49 4.65 2.94
C ASP A 120 -14.43 4.79 3.04
N GLN A 121 -14.20 5.90 2.59
N GLN A 121 -14.07 5.98 2.56
CA GLN A 121 -15.14 6.68 1.80
CA GLN A 121 -15.04 6.78 1.80
C GLN A 121 -15.38 6.06 0.44
C GLN A 121 -15.36 6.13 0.46
N ILE A 122 -14.35 5.43 -0.15
N ILE A 122 -14.36 5.54 -0.20
CA ILE A 122 -14.50 4.80 -1.45
CA ILE A 122 -14.58 4.98 -1.52
C ILE A 122 -15.39 3.56 -1.35
C ILE A 122 -15.63 3.88 -1.45
N ALA A 123 -15.27 2.82 -0.26
N ALA A 123 -15.46 2.96 -0.51
CA ALA A 123 -16.11 1.64 -0.10
CA ALA A 123 -16.40 1.84 -0.37
C ALA A 123 -17.60 2.00 -0.15
C ALA A 123 -17.84 2.34 -0.35
N LYS A 124 -17.94 3.19 0.31
N LYS A 124 -18.10 3.41 0.40
CA LYS A 124 -19.34 3.62 0.39
CA LYS A 124 -19.46 3.93 0.53
C LYS A 124 -19.82 4.32 -0.89
C LYS A 124 -19.89 4.74 -0.69
N ALA A 125 -18.90 4.84 -1.70
N ALA A 125 -18.99 4.97 -1.65
CA ALA A 125 -19.29 5.62 -2.86
CA ALA A 125 -19.33 5.71 -2.85
C ALA A 125 -19.48 4.77 -4.12
C ALA A 125 -19.55 4.83 -4.06
N LEU A 126 -18.89 3.59 -4.17
N LEU A 126 -18.93 3.65 -4.10
CA LEU A 126 -18.92 2.79 -5.40
CA LEU A 126 -19.05 2.77 -5.25
C LEU A 126 -20.29 2.25 -5.77
C LEU A 126 -20.46 2.18 -5.35
#